data_5K34
#
_entry.id   5K34
#
_cell.length_a   54.322
_cell.length_b   80.485
_cell.length_c   54.077
_cell.angle_alpha   90.00
_cell.angle_beta   90.00
_cell.angle_gamma   90.00
#
_symmetry.space_group_name_H-M   'C 2 2 21'
#
loop_
_entity.id
_entity.type
_entity.pdbx_description
1 polymer 'Ankyrin-repeat protein B'
2 non-polymer GLYCEROL
3 non-polymer 'SULFATE ION'
4 water water
#
_entity_poly.entity_id   1
_entity_poly.type   'polypeptide(L)'
_entity_poly.pdbx_seq_one_letter_code
;GSHMHIKRELWGNLMVAARSNNLEEVKKILKKGIDPTQTNSYHLNRTPLLAAIEGKAYQTANYLWRKYTFDPNFKDNYGD
SPISLLKKQLANPAFKDKEKKQIRALIRGMQEEKIAQSK
;
_entity_poly.pdbx_strand_id   A
#
loop_
_chem_comp.id
_chem_comp.type
_chem_comp.name
_chem_comp.formula
GOL non-polymer GLYCEROL 'C3 H8 O3'
SO4 non-polymer 'SULFATE ION' 'O4 S -2'
#
# COMPACT_ATOMS: atom_id res chain seq x y z
N MET A 4 9.46 4.36 -19.88
CA MET A 4 8.06 4.51 -20.44
C MET A 4 7.33 3.18 -20.40
N HIS A 5 7.53 2.35 -21.44
CA HIS A 5 7.30 0.90 -21.36
C HIS A 5 8.06 0.32 -20.15
N ILE A 6 9.30 0.77 -19.94
CA ILE A 6 10.11 0.26 -18.85
C ILE A 6 9.50 0.65 -17.49
N LYS A 7 9.13 1.91 -17.30
CA LYS A 7 8.54 2.38 -16.04
C LYS A 7 7.21 1.67 -15.81
N ARG A 8 6.40 1.47 -16.84
CA ARG A 8 5.13 0.77 -16.64
C ARG A 8 5.34 -0.68 -16.28
N GLU A 9 6.31 -1.38 -16.88
CA GLU A 9 6.60 -2.75 -16.52
C GLU A 9 7.08 -2.84 -15.08
N LEU A 10 7.99 -1.92 -14.68
CA LEU A 10 8.43 -1.87 -13.29
C LEU A 10 7.27 -1.59 -12.35
N TRP A 11 6.40 -0.66 -12.71
CA TRP A 11 5.27 -0.36 -11.81
C TRP A 11 4.39 -1.60 -11.60
N GLY A 12 4.06 -2.31 -12.69
CA GLY A 12 3.25 -3.52 -12.51
C GLY A 12 3.91 -4.55 -11.64
N ASN A 13 5.23 -4.73 -11.81
CA ASN A 13 5.96 -5.67 -10.97
C ASN A 13 6.01 -5.20 -9.52
N LEU A 14 6.08 -3.87 -9.31
CA LEU A 14 6.05 -3.26 -7.96
C LEU A 14 4.74 -3.55 -7.27
N MET A 15 3.60 -3.39 -7.94
CA MET A 15 2.28 -3.72 -7.39
C MET A 15 2.25 -5.18 -6.96
N VAL A 16 2.72 -6.13 -7.80
CA VAL A 16 2.74 -7.54 -7.41
C VAL A 16 3.66 -7.81 -6.22
N ALA A 17 4.86 -7.21 -6.24
CA ALA A 17 5.80 -7.43 -5.15
C ALA A 17 5.19 -6.92 -3.86
N ALA A 18 4.58 -5.73 -3.88
CA ALA A 18 3.99 -5.19 -2.66
C ALA A 18 2.82 -6.06 -2.19
N ARG A 19 1.94 -6.51 -3.09
CA ARG A 19 0.80 -7.33 -2.70
C ARG A 19 1.24 -8.66 -2.11
N SER A 20 2.41 -9.17 -2.54
CA SER A 20 2.88 -10.45 -2.02
CA SER A 20 2.98 -10.43 -2.10
C SER A 20 3.82 -10.30 -0.84
N ASN A 21 3.98 -9.09 -0.31
CA ASN A 21 4.85 -8.86 0.85
C ASN A 21 6.30 -9.11 0.52
N ASN A 22 6.67 -9.02 -0.75
CA ASN A 22 8.05 -9.18 -1.16
C ASN A 22 8.76 -7.85 -1.10
N LEU A 23 9.08 -7.45 0.13
CA LEU A 23 9.66 -6.13 0.39
C LEU A 23 11.05 -6.00 -0.25
N GLU A 24 11.81 -7.10 -0.24
CA GLU A 24 13.13 -7.04 -0.90
C GLU A 24 13.01 -6.63 -2.39
N GLU A 25 12.04 -7.21 -3.11
CA GLU A 25 11.83 -6.87 -4.51
C GLU A 25 11.23 -5.49 -4.67
N VAL A 26 10.27 -5.10 -3.81
CA VAL A 26 9.82 -3.64 -3.73
CA VAL A 26 9.82 -3.64 -3.73
C VAL A 26 11.04 -2.69 -3.64
N LYS A 27 11.95 -2.95 -2.69
CA LYS A 27 13.10 -2.05 -2.49
C LYS A 27 13.98 -2.00 -3.74
N LYS A 28 14.17 -3.17 -4.35
CA LYS A 28 14.99 -3.21 -5.60
CA LYS A 28 14.98 -3.23 -5.57
C LYS A 28 14.38 -2.39 -6.71
N ILE A 29 13.06 -2.45 -6.87
CA ILE A 29 12.40 -1.67 -7.91
C ILE A 29 12.45 -0.18 -7.58
N LEU A 30 12.22 0.20 -6.33
CA LEU A 30 12.22 1.64 -5.99
C LEU A 30 13.62 2.25 -6.14
N LYS A 31 14.68 1.43 -6.04
CA LYS A 31 16.04 1.96 -6.27
C LYS A 31 16.20 2.40 -7.72
N LYS A 32 15.38 1.92 -8.64
CA LYS A 32 15.47 2.29 -10.09
C LYS A 32 14.80 3.63 -10.34
N GLY A 33 14.32 4.29 -9.30
CA GLY A 33 13.84 5.67 -9.43
C GLY A 33 12.34 5.87 -9.44
N ILE A 34 11.57 4.85 -9.11
CA ILE A 34 10.12 4.96 -9.07
C ILE A 34 9.68 5.60 -7.74
N ASP A 35 8.84 6.62 -7.83
CA ASP A 35 8.22 7.23 -6.68
C ASP A 35 6.91 6.48 -6.39
N PRO A 36 6.86 5.71 -5.28
CA PRO A 36 5.68 4.83 -5.09
C PRO A 36 4.44 5.61 -4.71
N THR A 37 4.57 6.90 -4.39
CA THR A 37 3.42 7.68 -3.90
C THR A 37 2.65 8.35 -5.05
N GLN A 38 3.23 8.37 -6.24
CA GLN A 38 2.61 9.09 -7.34
C GLN A 38 2.02 8.09 -8.32
N THR A 39 0.82 8.39 -8.78
CA THR A 39 0.06 7.47 -9.64
C THR A 39 -0.76 8.28 -10.64
N ASN A 40 -1.56 7.61 -11.45
CA ASN A 40 -2.29 8.29 -12.51
C ASN A 40 -3.42 7.38 -12.99
N SER A 41 -4.14 7.90 -13.99
CA SER A 41 -5.26 7.24 -14.62
C SER A 41 -4.93 5.80 -15.11
N TYR A 42 -3.79 5.73 -15.78
CA TYR A 42 -3.36 4.50 -16.42
C TYR A 42 -3.19 3.38 -15.36
N HIS A 43 -2.66 3.79 -14.19
CA HIS A 43 -2.46 2.89 -13.04
C HIS A 43 -3.68 2.86 -12.11
N LEU A 44 -4.86 3.29 -12.61
CA LEU A 44 -6.10 3.24 -11.89
C LEU A 44 -6.07 4.07 -10.58
N ASN A 45 -5.12 5.01 -10.51
CA ASN A 45 -4.91 5.80 -9.29
C ASN A 45 -4.60 4.94 -8.06
N ARG A 46 -4.05 3.75 -8.28
CA ARG A 46 -3.61 2.90 -7.18
C ARG A 46 -2.14 3.13 -6.86
N THR A 47 -1.72 2.70 -5.67
CA THR A 47 -0.29 2.72 -5.31
C THR A 47 0.08 1.36 -4.72
N PRO A 48 1.37 1.09 -4.54
CA PRO A 48 1.78 -0.15 -3.89
C PRO A 48 1.39 -0.18 -2.43
N LEU A 49 1.06 0.95 -1.81
CA LEU A 49 0.52 0.90 -0.44
C LEU A 49 -0.83 0.21 -0.45
N LEU A 50 -1.73 0.54 -1.40
CA LEU A 50 -2.98 -0.19 -1.57
C LEU A 50 -2.78 -1.63 -1.86
N ALA A 51 -1.83 -1.93 -2.76
CA ALA A 51 -1.52 -3.31 -3.12
C ALA A 51 -1.11 -4.10 -1.89
N ALA A 52 -0.20 -3.54 -1.09
CA ALA A 52 0.22 -4.22 0.12
C ALA A 52 -0.93 -4.45 1.05
N ILE A 53 -1.78 -3.45 1.26
CA ILE A 53 -2.93 -3.63 2.15
C ILE A 53 -3.82 -4.77 1.65
N GLU A 54 -4.18 -4.76 0.37
CA GLU A 54 -5.15 -5.79 -0.08
C GLU A 54 -4.53 -7.17 -0.06
N GLY A 55 -3.20 -7.32 -0.15
CA GLY A 55 -2.53 -8.61 -0.05
C GLY A 55 -2.27 -9.02 1.38
N LYS A 56 -2.70 -8.24 2.36
CA LYS A 56 -2.39 -8.50 3.78
C LYS A 56 -0.91 -8.49 4.03
N ALA A 57 -0.19 -7.71 3.22
CA ALA A 57 1.27 -7.59 3.31
C ALA A 57 1.59 -6.44 4.25
N TYR A 58 1.23 -6.63 5.54
CA TYR A 58 1.21 -5.48 6.43
C TYR A 58 2.59 -4.93 6.79
N GLN A 59 3.60 -5.79 6.78
CA GLN A 59 4.98 -5.27 7.01
C GLN A 59 5.45 -4.39 5.83
N THR A 60 5.11 -4.76 4.63
CA THR A 60 5.44 -3.95 3.48
C THR A 60 4.64 -2.63 3.53
N ALA A 61 3.37 -2.70 3.89
CA ALA A 61 2.55 -1.48 4.03
C ALA A 61 3.15 -0.54 5.06
N ASN A 62 3.56 -1.08 6.21
CA ASN A 62 4.22 -0.30 7.25
C ASN A 62 5.49 0.35 6.75
N TYR A 63 6.33 -0.40 6.05
CA TYR A 63 7.56 0.16 5.51
C TYR A 63 7.26 1.30 4.58
N LEU A 64 6.33 1.08 3.64
CA LEU A 64 6.01 2.12 2.66
C LEU A 64 5.48 3.39 3.37
N TRP A 65 4.56 3.19 4.30
CA TRP A 65 3.98 4.31 5.04
C TRP A 65 5.05 5.09 5.80
N ARG A 66 6.01 4.40 6.39
CA ARG A 66 7.04 5.05 7.20
C ARG A 66 8.08 5.75 6.33
N LYS A 67 8.42 5.19 5.19
CA LYS A 67 9.58 5.65 4.42
C LYS A 67 9.23 6.71 3.40
N TYR A 68 7.96 6.81 2.98
CA TYR A 68 7.54 7.74 1.95
C TYR A 68 6.34 8.50 2.42
N THR A 69 6.08 9.65 1.84
CA THR A 69 4.93 10.49 2.22
C THR A 69 3.72 10.17 1.36
N PHE A 70 2.87 9.30 1.87
CA PHE A 70 1.62 8.94 1.20
C PHE A 70 0.46 9.72 1.79
N ASP A 71 -0.51 10.07 0.92
CA ASP A 71 -1.77 10.61 1.36
C ASP A 71 -2.70 9.42 1.68
N PRO A 72 -2.97 9.13 2.97
CA PRO A 72 -3.72 7.89 3.30
C PRO A 72 -5.23 8.00 2.95
N ASN A 73 -5.67 9.19 2.56
CA ASN A 73 -7.06 9.35 2.09
C ASN A 73 -7.15 9.47 0.58
N PHE A 74 -6.06 9.25 -0.14
CA PHE A 74 -6.11 9.37 -1.61
C PHE A 74 -6.76 8.15 -2.22
N LYS A 75 -7.87 8.38 -2.93
CA LYS A 75 -8.65 7.29 -3.51
C LYS A 75 -8.16 6.82 -4.85
N ASP A 76 -8.26 5.51 -5.08
CA ASP A 76 -8.08 4.96 -6.42
C ASP A 76 -9.39 5.03 -7.20
N ASN A 77 -9.37 4.52 -8.43
CA ASN A 77 -10.56 4.63 -9.30
C ASN A 77 -11.66 3.69 -8.94
N TYR A 78 -11.43 2.77 -8.00
CA TYR A 78 -12.50 1.99 -7.40
C TYR A 78 -13.15 2.79 -6.26
N GLY A 79 -12.52 3.87 -5.85
CA GLY A 79 -13.01 4.68 -4.74
C GLY A 79 -12.32 4.37 -3.40
N ASP A 80 -11.35 3.45 -3.37
CA ASP A 80 -10.71 3.04 -2.12
C ASP A 80 -9.47 3.85 -1.81
N SER A 81 -9.35 4.32 -0.58
CA SER A 81 -8.09 4.91 -0.09
C SER A 81 -7.39 3.87 0.80
N PRO A 82 -6.12 4.13 1.16
CA PRO A 82 -5.50 3.22 2.12
C PRO A 82 -6.32 3.06 3.39
N ILE A 83 -6.76 4.18 3.97
CA ILE A 83 -7.59 4.08 5.18
C ILE A 83 -8.91 3.36 4.94
N SER A 84 -9.64 3.74 3.87
CA SER A 84 -10.96 3.12 3.72
C SER A 84 -10.85 1.64 3.38
N LEU A 85 -9.80 1.23 2.67
CA LEU A 85 -9.61 -0.18 2.35
C LEU A 85 -9.29 -0.96 3.64
N LEU A 86 -8.44 -0.40 4.49
CA LEU A 86 -8.16 -1.01 5.81
C LEU A 86 -9.44 -1.13 6.62
N LYS A 87 -10.24 -0.07 6.61
CA LYS A 87 -11.51 -0.09 7.37
C LYS A 87 -12.43 -1.18 6.83
N LYS A 88 -12.49 -1.37 5.52
CA LYS A 88 -13.28 -2.48 4.98
CA LYS A 88 -13.28 -2.48 4.98
C LYS A 88 -12.83 -3.89 5.47
N GLN A 89 -11.51 -4.07 5.52
CA GLN A 89 -10.90 -5.29 6.03
C GLN A 89 -11.26 -5.47 7.51
N LEU A 90 -11.15 -4.41 8.29
CA LEU A 90 -11.45 -4.49 9.73
C LEU A 90 -12.89 -4.89 9.96
N ALA A 91 -13.81 -4.50 9.09
CA ALA A 91 -15.23 -4.86 9.24
C ALA A 91 -15.54 -6.21 8.66
N ASN A 92 -14.63 -6.84 7.94
CA ASN A 92 -14.87 -8.10 7.23
C ASN A 92 -14.67 -9.28 8.20
N PRO A 93 -15.73 -10.12 8.38
CA PRO A 93 -15.62 -11.27 9.35
C PRO A 93 -14.61 -12.35 9.03
N ALA A 94 -14.08 -12.32 7.82
CA ALA A 94 -13.10 -13.34 7.44
C ALA A 94 -11.72 -13.06 8.05
N PHE A 95 -11.51 -11.79 8.46
CA PHE A 95 -10.22 -11.42 9.06
C PHE A 95 -10.10 -11.85 10.52
N LYS A 96 -8.94 -12.38 10.86
CA LYS A 96 -8.66 -12.91 12.18
C LYS A 96 -8.13 -11.83 13.12
N ASP A 97 -8.15 -12.08 14.44
CA ASP A 97 -7.69 -11.14 15.47
C ASP A 97 -6.29 -10.56 15.16
N LYS A 98 -5.35 -11.41 14.75
CA LYS A 98 -3.96 -10.97 14.58
C LYS A 98 -3.87 -9.98 13.42
N GLU A 99 -4.64 -10.27 12.36
CA GLU A 99 -4.71 -9.37 11.22
C GLU A 99 -5.44 -8.09 11.58
N LYS A 100 -6.55 -8.19 12.30
CA LYS A 100 -7.29 -7.03 12.66
C LYS A 100 -6.49 -6.08 13.57
N LYS A 101 -5.64 -6.63 14.46
CA LYS A 101 -4.78 -5.76 15.31
C LYS A 101 -3.80 -4.95 14.44
N GLN A 102 -3.27 -5.62 13.45
CA GLN A 102 -2.35 -4.92 12.50
CA GLN A 102 -2.34 -4.95 12.46
C GLN A 102 -3.07 -3.86 11.67
N ILE A 103 -4.32 -4.18 11.29
CA ILE A 103 -5.14 -3.25 10.52
C ILE A 103 -5.46 -2.02 11.35
N ARG A 104 -5.88 -2.25 12.57
CA ARG A 104 -6.20 -1.18 13.46
C ARG A 104 -5.01 -0.25 13.71
N ALA A 105 -3.83 -0.84 13.91
CA ALA A 105 -2.62 -0.05 14.15
C ALA A 105 -2.27 0.82 12.92
N LEU A 106 -2.45 0.27 11.73
CA LEU A 106 -2.19 1.06 10.50
C LEU A 106 -3.24 2.18 10.34
N ILE A 107 -4.50 1.90 10.60
CA ILE A 107 -5.51 2.96 10.55
C ILE A 107 -5.16 4.08 11.51
N ARG A 108 -4.79 3.70 12.72
CA ARG A 108 -4.46 4.67 13.74
C ARG A 108 -3.30 5.50 13.35
N GLY A 109 -2.23 4.89 12.87
CA GLY A 109 -1.09 5.62 12.45
C GLY A 109 -1.43 6.59 11.31
N MET A 110 -2.17 6.13 10.31
CA MET A 110 -2.50 6.99 9.20
C MET A 110 -3.42 8.14 9.59
N GLN A 111 -4.39 7.90 10.46
CA GLN A 111 -5.33 8.97 10.82
C GLN A 111 -4.70 9.96 11.80
N GLU A 112 -3.84 9.47 12.69
CA GLU A 112 -3.45 10.24 13.90
C GLU A 112 -2.04 10.76 13.90
N GLU A 113 -1.10 10.13 13.20
CA GLU A 113 0.30 10.60 13.20
C GLU A 113 0.44 11.99 12.59
N LYS A 114 1.55 12.63 13.04
CA LYS A 114 1.93 13.94 12.61
C LYS A 114 2.26 13.96 11.11
N ILE A 115 1.90 15.06 10.46
CA ILE A 115 2.34 15.33 9.10
C ILE A 115 3.72 16.00 9.19
N ALA A 116 4.72 15.38 8.57
CA ALA A 116 6.11 15.94 8.60
C ALA A 116 6.18 17.25 7.82
C1 GOL B . -1.44 11.12 -7.00
O1 GOL B . -0.30 10.91 -7.80
C2 GOL B . -0.76 11.56 -5.71
O2 GOL B . -0.70 13.00 -5.79
C3 GOL B . -1.69 11.17 -4.61
O3 GOL B . -1.27 11.79 -3.39
S SO4 C . 4.25 -13.12 5.90
O1 SO4 C . 5.02 -14.42 5.99
O2 SO4 C . 4.16 -12.66 4.42
O3 SO4 C . 2.90 -13.24 6.51
O4 SO4 C . 4.84 -12.06 6.76
#